data_3CZ5
#
_entry.id   3CZ5
#
_cell.length_a   126.610
_cell.length_b   126.610
_cell.length_c   91.680
_cell.angle_alpha   90.000
_cell.angle_beta   90.000
_cell.angle_gamma   90.000
#
_symmetry.space_group_name_H-M   'P 42 21 2'
#
loop_
_entity.id
_entity.type
_entity.pdbx_description
1 polymer 'Two-component response regulator, LuxR family'
2 non-polymer 'PHOSPHATE ION'
3 water water
#
_entity_poly.entity_id   1
_entity_poly.type   'polypeptide(L)'
_entity_poly.pdbx_seq_one_letter_code
;MSLSTARIMLVDDHPIVREGYRRLIERRPGYAVVAEAADAGEAYRLYRETTPDIVVMDLTLPGPGGIEATRHIRQWDGAA
RILIFTMHQGSAFALKAFEAGASGYVTKSSDPAELVQAIEAILAGRRAMSPDIAQEIAEERVEGREGHHHHHH
;
_entity_poly.pdbx_strand_id   A,B,C,D
#
loop_
_chem_comp.id
_chem_comp.type
_chem_comp.name
_chem_comp.formula
PO4 non-polymer 'PHOSPHATE ION' 'O4 P -3'
#
# COMPACT_ATOMS: atom_id res chain seq x y z
N SER A 4 -14.58 7.44 -42.62
CA SER A 4 -13.97 8.08 -41.42
C SER A 4 -14.81 9.24 -40.86
N THR A 5 -16.03 8.95 -40.43
CA THR A 5 -17.20 9.89 -40.42
C THR A 5 -17.36 10.84 -39.17
N ALA A 6 -18.39 11.72 -39.06
CA ALA A 6 -18.57 12.67 -37.85
C ALA A 6 -19.67 13.76 -37.79
N ARG A 7 -20.42 13.85 -36.70
CA ARG A 7 -21.42 14.91 -36.58
C ARG A 7 -20.90 16.04 -35.67
N ILE A 8 -21.00 17.33 -36.07
CA ILE A 8 -20.41 18.45 -35.31
C ILE A 8 -21.43 19.58 -34.92
N MET A 9 -21.25 20.19 -33.74
CA MET A 9 -22.01 21.35 -33.33
C MET A 9 -21.11 22.61 -33.31
N LEU A 10 -21.62 23.73 -33.83
CA LEU A 10 -20.90 24.98 -33.81
C LEU A 10 -21.61 25.96 -32.92
N VAL A 11 -20.85 26.60 -32.05
CA VAL A 11 -21.45 27.53 -31.14
C VAL A 11 -20.61 28.74 -31.36
N ASP A 12 -21.18 29.76 -31.95
CA ASP A 12 -20.58 31.03 -32.26
C ASP A 12 -21.75 32.03 -32.32
N ASP A 13 -21.61 33.23 -31.79
CA ASP A 13 -22.65 34.25 -31.92
C ASP A 13 -22.45 35.10 -33.17
N HIS A 14 -21.53 34.70 -34.04
CA HIS A 14 -21.26 35.43 -35.24
C HIS A 14 -21.84 34.67 -36.47
N PRO A 15 -23.12 34.89 -36.67
CA PRO A 15 -23.95 34.07 -37.54
C PRO A 15 -23.33 33.91 -38.90
N ILE A 16 -22.76 34.95 -39.48
CA ILE A 16 -22.15 34.76 -40.80
C ILE A 16 -20.75 34.17 -40.83
N VAL A 17 -19.84 34.63 -39.98
CA VAL A 17 -18.63 33.85 -39.87
C VAL A 17 -18.96 32.42 -39.49
N ARG A 18 -20.02 32.21 -38.71
CA ARG A 18 -20.25 30.82 -38.26
C ARG A 18 -20.42 30.00 -39.50
N GLU A 19 -21.23 30.57 -40.41
CA GLU A 19 -21.50 29.86 -41.66
C GLU A 19 -20.22 29.61 -42.53
N GLY A 20 -19.31 30.59 -42.59
CA GLY A 20 -18.10 30.44 -43.28
C GLY A 20 -17.34 29.25 -42.71
N TYR A 21 -17.33 29.12 -41.40
CA TYR A 21 -16.62 28.00 -40.83
C TYR A 21 -17.37 26.72 -41.04
N ARG A 22 -18.69 26.75 -41.04
CA ARG A 22 -19.35 25.50 -41.41
C ARG A 22 -18.87 24.99 -42.77
N ARG A 23 -18.86 25.89 -43.73
CA ARG A 23 -18.52 25.48 -45.07
C ARG A 23 -17.07 25.03 -45.14
N LEU A 24 -16.24 25.57 -44.26
CA LEU A 24 -14.87 25.10 -44.24
C LEU A 24 -14.81 23.71 -43.68
N ILE A 25 -15.44 23.51 -42.54
CA ILE A 25 -15.40 22.21 -41.94
C ILE A 25 -15.94 21.14 -42.87
N GLU A 26 -16.90 21.51 -43.71
CA GLU A 26 -17.58 20.46 -44.46
C GLU A 26 -16.90 20.12 -45.75
N ARG A 27 -15.78 20.76 -46.03
CA ARG A 27 -15.04 20.39 -47.23
C ARG A 27 -14.24 19.12 -46.92
N ARG A 28 -14.10 18.81 -45.63
CA ARG A 28 -13.49 17.56 -45.25
C ARG A 28 -14.64 16.59 -45.25
N PRO A 29 -14.66 15.67 -46.24
CA PRO A 29 -15.91 14.93 -46.45
C PRO A 29 -16.01 13.95 -45.32
N GLY A 30 -17.22 13.45 -45.07
CA GLY A 30 -17.53 12.81 -43.78
C GLY A 30 -17.96 13.74 -42.63
N TYR A 31 -17.46 14.96 -42.57
CA TYR A 31 -17.81 15.85 -41.48
C TYR A 31 -19.16 16.62 -41.63
N ALA A 32 -20.16 16.38 -40.78
CA ALA A 32 -21.35 17.20 -40.94
C ALA A 32 -21.68 18.14 -39.78
N VAL A 33 -21.82 19.39 -40.09
CA VAL A 33 -22.16 20.31 -39.04
C VAL A 33 -23.65 20.20 -38.86
N VAL A 34 -24.03 19.71 -37.68
CA VAL A 34 -25.34 19.19 -37.47
C VAL A 34 -26.30 20.09 -36.61
N ALA A 35 -25.76 20.96 -35.77
CA ALA A 35 -26.54 21.93 -34.99
C ALA A 35 -25.67 23.17 -34.95
N GLU A 36 -26.28 24.36 -35.13
CA GLU A 36 -25.61 25.63 -34.89
C GLU A 36 -26.19 26.42 -33.67
N ALA A 37 -25.32 26.80 -32.73
CA ALA A 37 -25.80 27.52 -31.51
C ALA A 37 -25.20 28.91 -31.41
N ALA A 38 -25.86 29.80 -30.71
CA ALA A 38 -25.38 31.19 -30.68
C ALA A 38 -24.96 31.64 -29.33
N ASP A 39 -25.18 30.83 -28.28
CA ASP A 39 -24.67 31.10 -26.93
C ASP A 39 -24.63 29.82 -26.14
N ALA A 40 -24.25 29.93 -24.88
CA ALA A 40 -24.02 28.74 -24.06
C ALA A 40 -25.27 27.96 -23.81
N GLY A 41 -26.38 28.69 -23.56
CA GLY A 41 -27.60 28.03 -23.16
C GLY A 41 -28.04 27.05 -24.23
N GLU A 42 -28.21 27.62 -25.44
CA GLU A 42 -28.67 26.95 -26.63
C GLU A 42 -27.67 25.81 -26.89
N ALA A 43 -26.46 25.97 -26.44
CA ALA A 43 -25.49 24.92 -26.68
C ALA A 43 -25.76 23.66 -25.85
N TYR A 44 -25.78 23.83 -24.55
CA TYR A 44 -26.20 22.80 -23.64
C TYR A 44 -27.49 22.07 -24.12
N ARG A 45 -28.47 22.83 -24.57
CA ARG A 45 -29.74 22.26 -24.94
C ARG A 45 -29.44 21.29 -26.07
N LEU A 46 -28.73 21.75 -27.07
CA LEU A 46 -28.65 21.02 -28.33
C LEU A 46 -27.70 19.92 -28.21
N TYR A 47 -26.84 20.00 -27.22
CA TYR A 47 -25.88 18.94 -26.98
C TYR A 47 -26.66 17.73 -26.55
N ARG A 48 -27.37 17.89 -25.45
CA ARG A 48 -28.37 16.94 -24.99
C ARG A 48 -29.24 16.40 -26.09
N GLU A 49 -29.65 17.19 -27.06
CA GLU A 49 -30.53 16.54 -27.99
C GLU A 49 -29.96 16.18 -29.35
N THR A 50 -28.63 16.15 -29.52
CA THR A 50 -28.03 15.67 -30.78
C THR A 50 -26.75 15.01 -30.42
N THR A 51 -26.39 15.24 -29.16
CA THR A 51 -25.18 14.60 -28.61
C THR A 51 -24.16 14.33 -29.72
N PRO A 52 -23.54 15.41 -30.30
CA PRO A 52 -22.61 15.31 -31.40
C PRO A 52 -21.24 14.75 -31.01
N ASP A 53 -20.45 14.43 -32.02
CA ASP A 53 -19.22 13.79 -31.79
C ASP A 53 -18.23 14.81 -31.32
N ILE A 54 -18.49 16.07 -31.53
CA ILE A 54 -17.53 17.07 -31.15
C ILE A 54 -18.21 18.38 -31.28
N VAL A 55 -18.00 19.24 -30.28
CA VAL A 55 -18.51 20.59 -30.40
C VAL A 55 -17.37 21.58 -30.54
N VAL A 56 -17.52 22.52 -31.46
CA VAL A 56 -16.61 23.66 -31.63
C VAL A 56 -17.20 24.98 -31.17
N MET A 57 -16.52 25.66 -30.24
CA MET A 57 -17.10 26.83 -29.48
C MET A 57 -16.20 28.07 -29.43
N ASP A 58 -16.75 29.29 -29.53
CA ASP A 58 -15.97 30.44 -29.21
C ASP A 58 -15.53 30.43 -27.73
N LEU A 59 -14.57 31.28 -27.41
CA LEU A 59 -14.26 31.46 -26.03
C LEU A 59 -15.21 32.54 -25.50
N THR A 60 -15.64 33.38 -26.43
CA THR A 60 -16.36 34.55 -26.07
C THR A 60 -17.76 34.42 -26.60
N LEU A 61 -18.73 34.53 -25.68
CA LEU A 61 -20.11 34.29 -26.03
C LEU A 61 -21.02 35.29 -25.36
N PRO A 62 -22.11 35.68 -26.04
CA PRO A 62 -23.03 36.57 -25.34
C PRO A 62 -23.60 35.71 -24.17
N GLY A 63 -23.28 36.13 -22.94
CA GLY A 63 -23.55 35.32 -21.75
C GLY A 63 -22.26 34.70 -21.29
N PRO A 64 -22.35 33.52 -20.68
CA PRO A 64 -21.21 32.71 -20.33
C PRO A 64 -20.42 32.28 -21.58
N GLY A 65 -19.12 32.05 -21.42
CA GLY A 65 -18.40 31.75 -22.66
C GLY A 65 -18.06 30.30 -22.75
N GLY A 66 -17.05 29.96 -23.51
CA GLY A 66 -16.88 28.57 -23.88
C GLY A 66 -16.38 27.80 -22.72
N ILE A 67 -15.69 28.47 -21.81
CA ILE A 67 -15.07 27.76 -20.70
C ILE A 67 -16.19 27.34 -19.70
N GLU A 68 -17.10 28.27 -19.40
CA GLU A 68 -18.26 27.97 -18.52
C GLU A 68 -19.14 26.90 -19.20
N ALA A 69 -19.47 27.17 -20.45
CA ALA A 69 -20.13 26.22 -21.35
C ALA A 69 -19.49 24.88 -21.21
N THR A 70 -18.18 24.85 -21.23
CA THR A 70 -17.52 23.53 -21.38
C THR A 70 -17.74 22.75 -20.08
N ARG A 71 -17.62 23.44 -18.94
CA ARG A 71 -17.84 22.81 -17.69
C ARG A 71 -19.22 22.22 -17.75
N HIS A 72 -20.21 23.04 -18.10
CA HIS A 72 -21.60 22.55 -17.96
C HIS A 72 -21.79 21.25 -18.68
N ILE A 73 -21.28 21.19 -19.90
CA ILE A 73 -21.51 20.08 -20.72
C ILE A 73 -20.81 18.83 -20.17
N ARG A 74 -19.59 19.00 -19.72
CA ARG A 74 -18.81 17.92 -19.16
C ARG A 74 -19.40 17.39 -17.88
N GLN A 75 -20.20 18.22 -17.24
CA GLN A 75 -20.75 17.84 -15.99
C GLN A 75 -21.86 16.84 -16.30
N TRP A 76 -22.51 17.01 -17.46
CA TRP A 76 -23.59 16.14 -17.98
C TRP A 76 -23.01 14.96 -18.74
N ASP A 77 -21.95 15.22 -19.50
CA ASP A 77 -21.29 14.22 -20.27
C ASP A 77 -19.81 14.41 -20.07
N GLY A 78 -19.24 13.67 -19.12
CA GLY A 78 -17.80 13.69 -18.90
C GLY A 78 -16.94 13.22 -20.08
N ALA A 79 -17.48 12.54 -21.07
CA ALA A 79 -16.59 12.28 -22.18
C ALA A 79 -16.72 13.35 -23.29
N ALA A 80 -17.46 14.42 -23.10
CA ALA A 80 -17.66 15.39 -24.18
C ALA A 80 -16.39 15.92 -24.78
N ARG A 81 -16.32 15.85 -26.12
CA ARG A 81 -15.21 16.44 -26.83
C ARG A 81 -15.50 17.90 -27.29
N ILE A 82 -14.94 18.89 -26.58
CA ILE A 82 -15.09 20.28 -27.00
C ILE A 82 -13.81 20.94 -27.52
N LEU A 83 -13.88 21.64 -28.66
CA LEU A 83 -12.71 22.35 -29.22
C LEU A 83 -12.97 23.83 -29.05
N ILE A 84 -12.27 24.51 -28.15
CA ILE A 84 -12.42 25.95 -28.15
C ILE A 84 -11.69 26.47 -29.39
N PHE A 85 -12.38 27.37 -30.13
CA PHE A 85 -11.88 27.99 -31.37
C PHE A 85 -12.07 29.47 -31.18
N THR A 86 -10.99 30.22 -31.18
CA THR A 86 -11.08 31.57 -30.69
C THR A 86 -10.05 32.56 -31.28
N MET A 87 -10.31 33.82 -31.08
CA MET A 87 -9.49 34.85 -31.63
C MET A 87 -8.54 35.30 -30.50
N HIS A 88 -8.91 34.93 -29.29
CA HIS A 88 -8.18 35.33 -28.11
C HIS A 88 -7.05 34.33 -27.87
N GLN A 89 -5.93 34.79 -27.33
CA GLN A 89 -4.83 33.88 -27.09
C GLN A 89 -4.14 34.06 -25.78
N GLY A 90 -3.07 33.30 -25.56
CA GLY A 90 -2.30 33.44 -24.33
C GLY A 90 -2.52 32.22 -23.45
N SER A 91 -1.46 31.61 -22.95
CA SER A 91 -1.61 30.35 -22.32
C SER A 91 -2.54 30.49 -21.11
N ALA A 92 -2.83 31.73 -20.77
CA ALA A 92 -3.87 32.02 -19.78
C ALA A 92 -5.10 31.14 -19.94
N PHE A 93 -5.84 31.48 -20.97
CA PHE A 93 -7.13 30.95 -21.24
C PHE A 93 -7.09 29.53 -21.71
N ALA A 94 -6.05 29.17 -22.42
CA ALA A 94 -6.06 27.83 -22.89
C ALA A 94 -5.88 26.87 -21.68
N LEU A 95 -4.92 27.14 -20.79
CA LEU A 95 -4.82 26.29 -19.59
C LEU A 95 -6.19 26.14 -18.93
N LYS A 96 -6.87 27.23 -18.69
CA LYS A 96 -8.18 27.19 -18.09
C LYS A 96 -9.05 26.20 -18.88
N ALA A 97 -9.12 26.44 -20.20
CA ALA A 97 -10.06 25.81 -21.07
C ALA A 97 -9.73 24.43 -20.82
N PHE A 98 -8.43 24.12 -20.85
CA PHE A 98 -8.05 22.70 -20.64
C PHE A 98 -8.48 22.17 -19.28
N GLU A 99 -8.30 22.95 -18.23
CA GLU A 99 -8.47 22.45 -16.88
C GLU A 99 -9.97 22.22 -16.82
N ALA A 100 -10.73 22.97 -17.63
CA ALA A 100 -12.16 22.79 -17.68
C ALA A 100 -12.64 21.57 -18.44
N GLY A 101 -11.79 20.86 -19.18
CA GLY A 101 -12.33 19.75 -20.00
C GLY A 101 -12.25 19.86 -21.52
N ALA A 102 -11.88 21.04 -22.05
CA ALA A 102 -11.76 21.22 -23.47
C ALA A 102 -10.69 20.29 -23.96
N SER A 103 -10.86 19.68 -25.11
CA SER A 103 -9.81 18.83 -25.61
C SER A 103 -8.99 19.52 -26.65
N GLY A 104 -9.27 20.76 -26.90
CA GLY A 104 -8.52 21.43 -27.98
C GLY A 104 -8.61 22.94 -27.81
N TYR A 105 -7.60 23.71 -28.18
CA TYR A 105 -7.80 25.16 -28.08
C TYR A 105 -7.07 25.68 -29.26
N VAL A 106 -7.84 26.21 -30.23
CA VAL A 106 -7.26 26.61 -31.53
C VAL A 106 -7.50 28.10 -31.80
N THR A 107 -6.57 28.82 -32.42
CA THR A 107 -6.81 30.25 -32.63
C THR A 107 -7.27 30.61 -34.06
N LYS A 108 -8.19 31.55 -34.13
CA LYS A 108 -8.84 31.89 -35.35
C LYS A 108 -7.94 32.59 -36.36
N SER A 109 -6.79 33.10 -35.94
CA SER A 109 -5.87 33.63 -36.93
C SER A 109 -4.75 32.67 -37.16
N SER A 110 -4.96 31.38 -36.88
CA SER A 110 -3.92 30.41 -37.22
C SER A 110 -4.16 30.07 -38.66
N ASP A 111 -3.36 29.21 -39.26
CA ASP A 111 -3.68 28.96 -40.65
C ASP A 111 -5.08 28.33 -40.69
N PRO A 112 -5.99 28.83 -41.55
CA PRO A 112 -7.30 28.16 -41.62
C PRO A 112 -7.35 26.62 -41.40
N ALA A 113 -6.45 25.87 -42.08
CA ALA A 113 -6.35 24.38 -42.01
C ALA A 113 -6.48 23.88 -40.58
N GLU A 114 -5.93 24.66 -39.65
CA GLU A 114 -5.88 24.30 -38.25
C GLU A 114 -7.17 23.69 -37.68
N LEU A 115 -8.25 24.39 -38.01
CA LEU A 115 -9.52 24.03 -37.55
C LEU A 115 -9.76 22.55 -37.87
N VAL A 116 -9.70 22.17 -39.16
CA VAL A 116 -10.10 20.82 -39.45
C VAL A 116 -9.11 19.84 -38.86
N GLN A 117 -7.84 20.03 -39.10
CA GLN A 117 -6.83 19.24 -38.37
C GLN A 117 -7.13 19.00 -36.88
N ALA A 118 -7.26 20.10 -36.12
CA ALA A 118 -7.68 19.98 -34.72
C ALA A 118 -8.89 19.05 -34.58
N ILE A 119 -10.01 19.43 -35.15
CA ILE A 119 -11.15 18.52 -35.14
C ILE A 119 -10.73 17.02 -35.42
N GLU A 120 -9.92 16.82 -36.47
CA GLU A 120 -9.44 15.53 -36.89
C GLU A 120 -8.72 14.82 -35.75
N ALA A 121 -7.75 15.50 -35.14
CA ALA A 121 -6.96 14.94 -34.04
C ALA A 121 -7.69 14.70 -32.78
N ILE A 122 -8.69 15.54 -32.49
CA ILE A 122 -9.46 15.38 -31.26
C ILE A 122 -10.25 14.06 -31.39
N LEU A 123 -10.83 13.87 -32.58
CA LEU A 123 -11.62 12.67 -32.91
C LEU A 123 -10.73 11.44 -32.98
N ALA A 124 -9.43 11.70 -32.97
CA ALA A 124 -8.47 10.65 -33.15
C ALA A 124 -8.21 10.26 -31.76
N GLY A 125 -8.56 11.17 -30.86
CA GLY A 125 -8.37 10.94 -29.45
C GLY A 125 -7.24 11.75 -28.86
N ARG A 126 -6.65 12.71 -29.61
CA ARG A 126 -5.58 13.54 -29.04
C ARG A 126 -6.05 14.94 -28.72
N ARG A 127 -5.18 15.68 -28.05
CA ARG A 127 -5.48 17.04 -27.62
C ARG A 127 -4.97 18.06 -28.63
N ALA A 128 -5.81 19.00 -29.07
CA ALA A 128 -5.43 19.83 -30.19
C ALA A 128 -5.13 21.25 -29.76
N MET A 129 -4.03 21.76 -30.30
CA MET A 129 -3.41 23.05 -29.97
C MET A 129 -2.84 23.65 -31.26
N SER A 130 -3.36 24.74 -31.76
CA SER A 130 -2.54 25.35 -32.77
C SER A 130 -1.08 25.74 -32.24
N PRO A 131 -0.14 25.88 -33.19
CA PRO A 131 1.24 26.30 -33.00
C PRO A 131 1.36 27.49 -32.09
N ASP A 132 0.65 28.55 -32.41
CA ASP A 132 0.88 29.78 -31.66
C ASP A 132 0.63 29.58 -30.17
N ILE A 133 -0.33 28.75 -29.82
CA ILE A 133 -0.59 28.55 -28.40
C ILE A 133 0.34 27.54 -27.74
N ALA A 134 0.65 26.49 -28.49
CA ALA A 134 1.67 25.53 -28.04
C ALA A 134 2.93 26.28 -27.71
N GLN A 135 3.30 27.20 -28.60
CA GLN A 135 4.49 28.00 -28.43
C GLN A 135 4.35 28.79 -27.13
N GLU A 136 3.17 29.42 -26.90
CA GLU A 136 3.04 30.29 -25.73
C GLU A 136 3.08 29.52 -24.43
N ILE A 137 2.42 28.40 -24.42
CA ILE A 137 2.48 27.60 -23.22
C ILE A 137 3.89 27.06 -22.97
N ALA A 138 4.46 26.40 -23.99
CA ALA A 138 5.83 25.85 -23.86
C ALA A 138 6.69 26.99 -23.40
N GLU A 139 6.56 28.13 -24.10
CA GLU A 139 7.49 29.23 -23.82
C GLU A 139 7.36 29.68 -22.35
N GLU A 140 6.20 29.44 -21.79
CA GLU A 140 6.00 29.85 -20.44
C GLU A 140 6.47 28.83 -19.43
N ARG A 141 6.34 27.54 -19.77
CA ARG A 141 6.94 26.51 -18.95
C ARG A 141 8.45 26.71 -18.91
N VAL A 142 9.05 27.06 -20.06
CA VAL A 142 10.51 27.27 -20.15
C VAL A 142 11.06 28.30 -19.19
N GLU A 143 10.42 29.46 -19.08
CA GLU A 143 10.79 30.43 -18.05
C GLU A 143 9.84 30.40 -16.83
N GLY A 144 9.65 29.27 -16.14
CA GLY A 144 8.60 29.17 -15.12
C GLY A 144 9.12 28.74 -13.75
N SER B 4 -0.22 -0.96 69.95
CA SER B 4 0.04 -2.24 69.17
C SER B 4 -0.12 -2.02 67.66
N THR B 5 0.92 -2.29 66.91
CA THR B 5 0.94 -1.88 65.51
C THR B 5 1.58 -3.02 64.65
N ALA B 6 1.32 -3.10 63.35
CA ALA B 6 1.84 -4.23 62.51
C ALA B 6 2.06 -3.92 61.03
N ARG B 7 3.03 -4.57 60.41
CA ARG B 7 3.26 -4.38 58.98
C ARG B 7 2.91 -5.70 58.37
N ILE B 8 2.08 -5.71 57.32
CA ILE B 8 1.55 -6.90 56.69
C ILE B 8 1.75 -6.90 55.14
N MET B 9 1.98 -8.08 54.56
CA MET B 9 2.11 -8.23 53.12
C MET B 9 0.90 -9.03 52.71
N LEU B 10 0.10 -8.60 51.75
CA LEU B 10 -0.97 -9.46 51.18
C LEU B 10 -0.61 -10.11 49.85
N VAL B 11 -0.92 -11.40 49.76
CA VAL B 11 -0.71 -12.07 48.50
C VAL B 11 -1.96 -12.75 48.05
N ASP B 12 -2.57 -12.13 47.04
CA ASP B 12 -3.81 -12.58 46.39
C ASP B 12 -3.71 -12.27 44.90
N ASP B 13 -4.22 -13.13 44.04
CA ASP B 13 -4.13 -12.86 42.56
C ASP B 13 -5.37 -12.23 41.94
N HIS B 14 -6.40 -11.96 42.74
CA HIS B 14 -7.61 -11.27 42.26
C HIS B 14 -7.55 -9.84 42.78
N PRO B 15 -7.30 -8.85 41.90
CA PRO B 15 -6.92 -7.49 42.40
C PRO B 15 -8.05 -6.71 43.00
N ILE B 16 -9.24 -6.77 42.40
CA ILE B 16 -10.34 -6.00 42.99
C ILE B 16 -10.74 -6.36 44.43
N VAL B 17 -10.83 -7.63 44.77
CA VAL B 17 -11.17 -7.90 46.15
C VAL B 17 -9.93 -7.74 47.00
N ARG B 18 -8.76 -7.92 46.38
CA ARG B 18 -7.52 -7.96 47.18
C ARG B 18 -7.50 -6.65 47.94
N GLU B 19 -7.60 -5.60 47.18
CA GLU B 19 -7.82 -4.28 47.68
C GLU B 19 -8.96 -4.20 48.74
N GLY B 20 -10.06 -4.94 48.60
CA GLY B 20 -11.01 -4.93 49.70
C GLY B 20 -10.43 -5.57 50.95
N TYR B 21 -9.71 -6.66 50.81
CA TYR B 21 -9.18 -7.23 52.03
C TYR B 21 -8.24 -6.24 52.71
N ARG B 22 -7.58 -5.41 51.92
CA ARG B 22 -6.64 -4.48 52.49
C ARG B 22 -7.42 -3.48 53.31
N ARG B 23 -8.55 -3.04 52.79
CA ARG B 23 -9.27 -2.00 53.48
C ARG B 23 -9.80 -2.64 54.75
N LEU B 24 -10.31 -3.86 54.62
CA LEU B 24 -10.69 -4.63 55.79
C LEU B 24 -9.59 -4.70 56.85
N ILE B 25 -8.41 -5.16 56.47
CA ILE B 25 -7.31 -5.22 57.42
C ILE B 25 -6.94 -3.83 57.93
N GLU B 26 -6.94 -2.88 57.04
CA GLU B 26 -6.35 -1.64 57.47
C GLU B 26 -7.25 -1.02 58.52
N ARG B 27 -8.41 -1.58 58.76
CA ARG B 27 -9.29 -0.93 59.76
C ARG B 27 -8.92 -1.22 61.17
N ARG B 28 -8.16 -2.28 61.44
CA ARG B 28 -7.70 -2.42 62.79
C ARG B 28 -6.52 -1.47 63.05
N PRO B 29 -6.76 -0.45 63.93
CA PRO B 29 -5.85 0.70 63.98
C PRO B 29 -4.42 0.18 64.26
N GLY B 30 -3.42 0.69 63.56
CA GLY B 30 -2.08 0.27 63.90
C GLY B 30 -1.62 -0.69 62.85
N TYR B 31 -2.54 -1.20 62.03
CA TYR B 31 -2.20 -2.19 61.06
C TYR B 31 -2.02 -1.58 59.66
N ALA B 32 -0.87 -1.79 59.01
CA ALA B 32 -0.75 -1.21 57.69
C ALA B 32 -0.36 -2.27 56.67
N VAL B 33 -1.13 -2.39 55.58
CA VAL B 33 -0.66 -3.29 54.54
C VAL B 33 0.49 -2.62 53.81
N VAL B 34 1.56 -3.33 53.55
CA VAL B 34 2.77 -2.61 53.24
C VAL B 34 3.31 -3.05 51.93
N ALA B 35 2.78 -4.15 51.38
CA ALA B 35 3.18 -4.65 50.06
C ALA B 35 2.21 -5.73 49.69
N GLU B 36 2.03 -5.91 48.39
CA GLU B 36 1.04 -6.82 47.83
C GLU B 36 1.63 -7.59 46.62
N ALA B 37 1.46 -8.89 46.66
CA ALA B 37 2.04 -9.75 45.70
C ALA B 37 0.83 -10.45 45.13
N ALA B 38 1.00 -10.91 43.89
CA ALA B 38 -0.04 -11.66 43.22
C ALA B 38 0.47 -13.01 42.97
N ASP B 39 1.57 -13.44 43.53
CA ASP B 39 2.04 -14.77 43.16
C ASP B 39 3.12 -15.23 44.12
N ALA B 40 3.51 -16.48 43.99
CA ALA B 40 4.40 -17.03 45.02
C ALA B 40 5.82 -16.50 44.90
N GLY B 41 6.41 -16.47 43.70
CA GLY B 41 7.71 -15.79 43.58
C GLY B 41 7.78 -14.32 44.05
N GLU B 42 6.77 -13.53 43.70
CA GLU B 42 6.78 -12.12 43.96
C GLU B 42 6.69 -12.03 45.48
N ALA B 43 5.81 -12.84 46.07
CA ALA B 43 5.72 -12.97 47.56
C ALA B 43 7.04 -13.30 48.26
N TYR B 44 7.82 -14.19 47.69
CA TYR B 44 9.09 -14.50 48.30
C TYR B 44 10.06 -13.28 48.23
N ARG B 45 10.28 -12.76 47.05
CA ARG B 45 11.07 -11.60 46.90
C ARG B 45 10.52 -10.51 47.77
N LEU B 46 9.22 -10.22 47.78
CA LEU B 46 8.88 -9.06 48.60
C LEU B 46 9.15 -9.33 50.04
N TYR B 47 8.90 -10.57 50.47
CA TYR B 47 9.11 -10.88 51.89
C TYR B 47 10.56 -10.54 52.26
N ARG B 48 11.50 -11.01 51.46
CA ARG B 48 12.88 -10.68 51.67
C ARG B 48 13.18 -9.20 51.92
N GLU B 49 12.50 -8.36 51.17
CA GLU B 49 12.79 -6.99 51.14
C GLU B 49 11.99 -6.17 52.18
N THR B 50 10.85 -6.65 52.65
CA THR B 50 10.05 -5.82 53.59
C THR B 50 9.97 -6.51 54.98
N THR B 51 10.14 -7.83 55.02
CA THR B 51 10.19 -8.58 56.27
C THR B 51 9.13 -7.99 57.13
N PRO B 52 7.87 -8.30 56.82
CA PRO B 52 6.67 -7.86 57.53
C PRO B 52 6.48 -8.69 58.76
N ASP B 53 5.54 -8.30 59.64
CA ASP B 53 5.31 -9.15 60.79
C ASP B 53 4.44 -10.32 60.45
N ILE B 54 3.49 -10.15 59.54
CA ILE B 54 2.70 -11.31 59.17
C ILE B 54 2.35 -11.28 57.69
N VAL B 55 2.09 -12.40 57.06
CA VAL B 55 1.71 -12.40 55.63
C VAL B 55 0.33 -13.08 55.44
N VAL B 56 -0.50 -12.56 54.56
CA VAL B 56 -1.83 -13.12 54.41
C VAL B 56 -1.85 -13.53 52.93
N MET B 57 -2.15 -14.79 52.67
CA MET B 57 -1.88 -15.38 51.38
C MET B 57 -2.97 -16.40 51.05
N ASP B 58 -3.40 -16.42 49.79
CA ASP B 58 -4.50 -17.24 49.33
C ASP B 58 -3.92 -18.57 49.31
N LEU B 59 -4.77 -19.57 49.35
CA LEU B 59 -4.30 -20.94 49.17
C LEU B 59 -3.89 -21.24 47.73
N THR B 60 -4.61 -20.65 46.78
CA THR B 60 -4.36 -20.83 45.37
C THR B 60 -3.87 -19.58 44.66
N LEU B 61 -2.60 -19.59 44.25
CA LEU B 61 -2.10 -18.60 43.31
C LEU B 61 -1.65 -19.32 42.02
N PRO B 62 -1.39 -18.56 40.93
CA PRO B 62 -1.19 -19.21 39.65
C PRO B 62 0.12 -19.97 39.69
N GLY B 63 0.09 -21.25 39.45
CA GLY B 63 1.34 -21.98 39.46
C GLY B 63 1.45 -22.63 40.82
N PRO B 64 2.49 -22.28 41.55
CA PRO B 64 2.58 -22.86 42.87
C PRO B 64 1.93 -21.89 43.85
N GLY B 65 1.30 -22.43 44.87
CA GLY B 65 0.35 -21.67 45.64
C GLY B 65 0.85 -21.39 47.02
N GLY B 66 -0.08 -20.98 47.90
CA GLY B 66 0.27 -20.31 49.13
C GLY B 66 1.11 -21.12 50.04
N ILE B 67 1.05 -22.41 49.85
CA ILE B 67 1.58 -23.43 50.73
C ILE B 67 3.02 -23.78 50.29
N GLU B 68 3.23 -24.02 48.98
CA GLU B 68 4.57 -23.92 48.42
C GLU B 68 5.25 -22.57 48.77
N ALA B 69 4.51 -21.48 48.66
CA ALA B 69 5.10 -20.19 49.00
C ALA B 69 5.48 -20.12 50.48
N THR B 70 4.68 -20.79 51.32
CA THR B 70 4.97 -20.84 52.74
C THR B 70 6.31 -21.59 52.97
N ARG B 71 6.44 -22.75 52.32
CA ARG B 71 7.62 -23.50 52.68
C ARG B 71 8.84 -22.74 52.14
N HIS B 72 8.68 -22.04 51.02
CA HIS B 72 9.80 -21.31 50.42
C HIS B 72 10.16 -20.21 51.44
N ILE B 73 9.22 -19.29 51.71
CA ILE B 73 9.46 -18.19 52.60
C ILE B 73 10.12 -18.66 53.89
N ARG B 74 9.60 -19.73 54.46
CA ARG B 74 10.05 -20.19 55.76
C ARG B 74 11.43 -20.73 55.66
N GLN B 75 11.83 -21.12 54.49
CA GLN B 75 13.13 -21.76 54.42
C GLN B 75 14.16 -20.63 54.49
N TRP B 76 13.76 -19.41 54.13
CA TRP B 76 14.66 -18.29 54.14
C TRP B 76 14.51 -17.66 55.50
N ASP B 77 13.30 -17.56 56.02
CA ASP B 77 13.04 -17.07 57.35
C ASP B 77 12.14 -18.11 58.07
N GLY B 78 12.76 -18.85 58.97
CA GLY B 78 12.07 -19.85 59.66
C GLY B 78 11.17 -19.34 60.75
N ALA B 79 10.98 -18.04 60.97
CA ALA B 79 9.91 -17.60 61.92
C ALA B 79 8.82 -16.78 61.27
N ALA B 80 8.78 -16.80 59.92
CA ALA B 80 7.78 -16.04 59.20
C ALA B 80 6.42 -16.46 59.68
N ARG B 81 5.53 -15.51 59.88
CA ARG B 81 4.22 -15.84 60.29
C ARG B 81 3.33 -15.70 59.11
N ILE B 82 2.89 -16.82 58.55
CA ILE B 82 1.98 -16.78 57.40
C ILE B 82 0.56 -17.21 57.74
N LEU B 83 -0.42 -16.47 57.30
CA LEU B 83 -1.80 -16.84 57.53
C LEU B 83 -2.40 -17.33 56.20
N ILE B 84 -2.91 -18.55 56.10
CA ILE B 84 -3.53 -18.83 54.85
C ILE B 84 -5.00 -18.47 54.87
N PHE B 85 -5.48 -17.89 53.80
CA PHE B 85 -6.74 -17.22 53.85
C PHE B 85 -7.31 -17.61 52.52
N THR B 86 -8.47 -18.26 52.50
CA THR B 86 -8.84 -18.95 51.28
C THR B 86 -10.30 -19.27 51.14
N MET B 87 -10.77 -19.40 49.90
CA MET B 87 -12.16 -19.77 49.79
C MET B 87 -12.43 -21.28 49.87
N HIS B 88 -11.36 -22.06 49.82
CA HIS B 88 -11.45 -23.51 49.84
C HIS B 88 -11.36 -24.13 51.26
N GLN B 89 -12.21 -25.12 51.56
CA GLN B 89 -12.11 -25.79 52.87
C GLN B 89 -11.95 -27.29 52.96
N GLY B 90 -11.66 -27.73 54.19
CA GLY B 90 -11.50 -29.12 54.48
C GLY B 90 -10.35 -29.27 55.45
N SER B 91 -10.40 -30.27 56.30
CA SER B 91 -9.26 -30.43 57.18
C SER B 91 -7.98 -30.38 56.33
N ALA B 92 -8.14 -30.85 55.08
CA ALA B 92 -7.08 -31.51 54.33
C ALA B 92 -5.92 -30.54 54.12
N PHE B 93 -6.27 -29.38 53.55
CA PHE B 93 -5.29 -28.42 53.18
C PHE B 93 -4.88 -27.70 54.39
N ALA B 94 -5.76 -27.59 55.35
CA ALA B 94 -5.37 -26.85 56.48
C ALA B 94 -4.26 -27.64 57.11
N LEU B 95 -4.34 -28.95 57.10
CA LEU B 95 -3.25 -29.68 57.76
C LEU B 95 -2.00 -29.52 56.93
N LYS B 96 -2.11 -29.62 55.63
CA LYS B 96 -0.92 -29.45 54.83
C LYS B 96 -0.30 -28.08 55.05
N ALA B 97 -1.12 -27.01 55.00
CA ALA B 97 -0.61 -25.72 55.45
C ALA B 97 0.14 -25.89 56.84
N PHE B 98 -0.50 -26.22 57.96
CA PHE B 98 0.34 -26.23 59.15
C PHE B 98 1.63 -27.01 59.03
N GLU B 99 1.63 -28.18 58.39
CA GLU B 99 2.91 -28.88 58.30
C GLU B 99 3.95 -28.02 57.52
N ALA B 100 3.53 -27.33 56.47
CA ALA B 100 4.43 -26.46 55.78
C ALA B 100 4.90 -25.36 56.69
N GLY B 101 4.15 -25.09 57.77
CA GLY B 101 4.58 -24.11 58.74
C GLY B 101 3.72 -22.84 58.78
N ALA B 102 2.46 -22.87 58.38
CA ALA B 102 1.77 -21.62 58.46
C ALA B 102 1.33 -21.45 59.86
N SER B 103 1.03 -20.23 60.24
CA SER B 103 0.65 -19.92 61.59
C SER B 103 -0.81 -19.79 61.66
N GLY B 104 -1.43 -19.75 60.52
CA GLY B 104 -2.89 -19.73 60.56
C GLY B 104 -3.63 -20.09 59.28
N TYR B 105 -4.93 -20.31 59.39
CA TYR B 105 -5.67 -20.87 58.28
C TYR B 105 -7.12 -20.45 58.41
N VAL B 106 -7.65 -19.81 57.40
CA VAL B 106 -8.88 -19.07 57.63
C VAL B 106 -9.68 -19.00 56.38
N THR B 107 -10.94 -19.38 56.46
CA THR B 107 -11.69 -19.45 55.20
C THR B 107 -12.33 -18.09 54.93
N LYS B 108 -12.52 -17.77 53.67
CA LYS B 108 -12.99 -16.44 53.33
C LYS B 108 -14.47 -16.31 53.57
N SER B 109 -15.10 -17.33 54.14
CA SER B 109 -16.55 -17.33 54.16
C SER B 109 -17.02 -17.34 55.58
N SER B 110 -16.11 -17.47 56.51
CA SER B 110 -16.48 -17.32 57.88
C SER B 110 -16.90 -15.87 58.05
N ASP B 111 -17.44 -15.55 59.23
CA ASP B 111 -17.67 -14.17 59.62
C ASP B 111 -16.55 -13.20 59.14
N PRO B 112 -16.97 -12.11 58.50
CA PRO B 112 -16.08 -11.10 57.94
C PRO B 112 -14.92 -10.75 58.91
N ALA B 113 -15.30 -10.32 60.13
CA ALA B 113 -14.45 -10.14 61.34
C ALA B 113 -13.33 -11.13 61.61
N GLU B 114 -13.44 -12.33 61.11
CA GLU B 114 -12.53 -13.38 61.46
C GLU B 114 -11.14 -12.97 61.14
N LEU B 115 -10.95 -12.41 59.95
CA LEU B 115 -9.59 -12.20 59.45
C LEU B 115 -8.73 -11.44 60.46
N VAL B 116 -9.13 -10.19 60.74
CA VAL B 116 -8.48 -9.41 61.78
C VAL B 116 -8.27 -10.15 63.11
N GLN B 117 -9.19 -11.01 63.47
CA GLN B 117 -8.96 -11.73 64.71
C GLN B 117 -7.82 -12.72 64.56
N ALA B 118 -7.76 -13.43 63.45
CA ALA B 118 -6.64 -14.35 63.25
C ALA B 118 -5.32 -13.59 63.07
N ILE B 119 -5.40 -12.45 62.40
CA ILE B 119 -4.19 -11.72 62.32
C ILE B 119 -3.77 -11.39 63.74
N GLU B 120 -4.73 -10.97 64.56
CA GLU B 120 -4.35 -10.48 65.88
C GLU B 120 -3.75 -11.62 66.63
N ALA B 121 -4.27 -12.83 66.42
CA ALA B 121 -3.87 -13.87 67.35
C ALA B 121 -2.50 -14.37 66.91
N ILE B 122 -2.34 -14.55 65.59
CA ILE B 122 -1.05 -14.84 65.13
C ILE B 122 0.00 -13.86 65.64
N LEU B 123 -0.27 -12.54 65.59
CA LEU B 123 0.75 -11.54 66.12
C LEU B 123 1.06 -11.78 67.60
N ALA B 124 0.14 -12.37 68.36
CA ALA B 124 0.42 -12.64 69.78
C ALA B 124 1.06 -14.03 69.98
N GLY B 125 1.44 -14.67 68.89
CA GLY B 125 2.13 -15.95 68.94
C GLY B 125 1.21 -17.10 69.22
N ARG B 126 -0.10 -16.92 69.05
CA ARG B 126 -1.09 -18.03 69.16
C ARG B 126 -1.41 -18.36 67.74
N ARG B 127 -1.81 -19.60 67.47
CA ARG B 127 -2.03 -20.05 66.09
C ARG B 127 -3.53 -19.96 65.66
N ALA B 128 -3.91 -19.86 64.40
CA ALA B 128 -5.33 -19.48 64.17
C ALA B 128 -6.14 -20.22 63.12
N MET B 129 -7.40 -20.49 63.46
CA MET B 129 -8.27 -21.30 62.58
C MET B 129 -9.69 -20.66 62.50
N SER B 130 -10.34 -20.60 61.37
CA SER B 130 -11.69 -20.13 61.52
C SER B 130 -12.55 -21.27 62.10
N PRO B 131 -13.57 -20.96 62.92
CA PRO B 131 -14.34 -22.00 63.61
C PRO B 131 -14.70 -23.17 62.68
N ASP B 132 -15.02 -22.84 61.45
CA ASP B 132 -15.30 -23.92 60.52
C ASP B 132 -14.14 -24.85 60.31
N ILE B 133 -12.94 -24.34 60.17
CA ILE B 133 -11.82 -25.24 60.04
C ILE B 133 -11.50 -26.02 61.29
N ALA B 134 -11.64 -25.37 62.46
CA ALA B 134 -11.40 -26.07 63.72
C ALA B 134 -12.32 -27.28 63.75
N GLN B 135 -13.60 -27.03 63.46
CA GLN B 135 -14.62 -28.04 63.42
C GLN B 135 -14.14 -29.14 62.48
N GLU B 136 -13.68 -28.80 61.25
CA GLU B 136 -13.56 -29.89 60.30
C GLU B 136 -12.47 -30.86 60.77
N ILE B 137 -11.33 -30.31 61.20
CA ILE B 137 -10.25 -31.11 61.76
C ILE B 137 -10.64 -31.92 62.98
N ALA B 138 -11.32 -31.26 63.92
CA ALA B 138 -11.64 -31.83 65.22
C ALA B 138 -12.57 -32.97 64.90
N GLU B 139 -13.53 -32.67 64.03
CA GLU B 139 -14.43 -33.67 63.46
C GLU B 139 -13.73 -34.75 62.67
N GLU B 140 -12.52 -34.52 62.21
CA GLU B 140 -11.77 -35.62 61.61
C GLU B 140 -11.11 -36.47 62.67
N ARG B 141 -10.54 -35.85 63.68
CA ARG B 141 -9.85 -36.58 64.74
C ARG B 141 -10.86 -37.45 65.52
N VAL B 142 -12.14 -37.12 65.47
CA VAL B 142 -13.01 -37.94 66.25
C VAL B 142 -13.24 -39.28 65.60
N GLU B 143 -13.29 -39.31 64.28
CA GLU B 143 -13.39 -40.56 63.47
C GLU B 143 -12.37 -41.73 63.76
N SER C 4 -22.17 -16.84 -14.58
CA SER C 4 -21.33 -16.07 -15.58
C SER C 4 -22.07 -15.60 -16.92
N THR C 5 -22.83 -14.51 -16.87
CA THR C 5 -23.52 -14.01 -18.08
C THR C 5 -22.48 -13.39 -19.06
N ALA C 6 -22.92 -12.96 -20.27
CA ALA C 6 -22.10 -12.44 -21.38
C ALA C 6 -22.93 -12.16 -22.64
N ARG C 7 -22.90 -10.96 -23.21
CA ARG C 7 -23.67 -10.66 -24.45
C ARG C 7 -22.86 -10.74 -25.77
N ILE C 8 -23.32 -11.49 -26.77
CA ILE C 8 -22.54 -11.81 -28.00
C ILE C 8 -23.11 -11.19 -29.29
N MET C 9 -22.29 -10.69 -30.19
CA MET C 9 -22.84 -10.15 -31.47
C MET C 9 -22.52 -11.17 -32.52
N LEU C 10 -23.49 -11.43 -33.40
CA LEU C 10 -23.33 -12.46 -34.43
C LEU C 10 -23.25 -11.85 -35.83
N VAL C 11 -22.13 -11.96 -36.51
CA VAL C 11 -22.13 -11.37 -37.82
C VAL C 11 -21.99 -12.46 -38.85
N ASP C 12 -23.04 -12.74 -39.60
CA ASP C 12 -22.95 -13.74 -40.63
C ASP C 12 -24.01 -13.45 -41.64
N ASP C 13 -23.79 -13.72 -42.94
CA ASP C 13 -24.84 -13.50 -44.01
C ASP C 13 -25.64 -14.72 -44.48
N HIS C 14 -25.34 -15.92 -44.01
CA HIS C 14 -26.15 -17.06 -44.34
C HIS C 14 -27.40 -17.15 -43.44
N PRO C 15 -28.53 -16.75 -43.97
CA PRO C 15 -29.81 -16.46 -43.26
C PRO C 15 -30.47 -17.53 -42.33
N ILE C 16 -30.40 -18.83 -42.70
CA ILE C 16 -31.00 -19.89 -41.89
C ILE C 16 -29.98 -20.54 -40.97
N VAL C 17 -28.77 -20.75 -41.42
CA VAL C 17 -27.87 -21.46 -40.53
C VAL C 17 -27.47 -20.52 -39.39
N ARG C 18 -27.51 -19.24 -39.66
CA ARG C 18 -27.02 -18.32 -38.66
C ARG C 18 -27.80 -18.50 -37.33
N GLU C 19 -29.11 -18.70 -37.47
CA GLU C 19 -29.96 -18.93 -36.31
C GLU C 19 -29.61 -20.27 -35.68
N GLY C 20 -29.00 -21.16 -36.46
CA GLY C 20 -28.45 -22.35 -35.91
C GLY C 20 -27.30 -22.03 -34.98
N TYR C 21 -26.41 -21.15 -35.38
CA TYR C 21 -25.30 -20.86 -34.48
C TYR C 21 -25.75 -20.06 -33.25
N ARG C 22 -26.64 -19.11 -33.45
CA ARG C 22 -27.21 -18.36 -32.35
C ARG C 22 -27.75 -19.32 -31.32
N ARG C 23 -28.53 -20.30 -31.77
CA ARG C 23 -29.20 -21.13 -30.81
C ARG C 23 -28.15 -22.00 -30.24
N LEU C 24 -27.24 -22.46 -31.09
CA LEU C 24 -26.19 -23.33 -30.59
C LEU C 24 -25.51 -22.66 -29.46
N ILE C 25 -25.36 -21.37 -29.62
CA ILE C 25 -24.70 -20.53 -28.63
C ILE C 25 -25.55 -20.32 -27.43
N GLU C 26 -26.82 -19.97 -27.69
CA GLU C 26 -27.71 -19.58 -26.62
C GLU C 26 -27.97 -20.74 -25.72
N ARG C 27 -27.54 -21.95 -26.15
CA ARG C 27 -27.65 -23.15 -25.31
C ARG C 27 -26.61 -23.34 -24.20
N ARG C 28 -25.73 -22.32 -24.00
CA ARG C 28 -24.76 -22.24 -22.88
C ARG C 28 -25.27 -21.21 -21.96
N PRO C 29 -25.88 -21.65 -20.92
CA PRO C 29 -26.66 -20.82 -20.05
C PRO C 29 -25.87 -19.56 -19.82
N GLY C 30 -26.52 -18.40 -19.96
CA GLY C 30 -25.84 -17.13 -19.72
C GLY C 30 -25.27 -16.55 -21.00
N TYR C 31 -25.40 -17.24 -22.12
CA TYR C 31 -24.96 -16.59 -23.34
C TYR C 31 -26.13 -16.10 -24.16
N ALA C 32 -26.05 -14.89 -24.67
CA ALA C 32 -27.24 -14.25 -25.32
C ALA C 32 -26.80 -13.55 -26.62
N VAL C 33 -27.31 -13.96 -27.74
CA VAL C 33 -26.91 -13.22 -28.91
C VAL C 33 -27.74 -11.93 -28.90
N VAL C 34 -27.12 -10.81 -28.78
CA VAL C 34 -27.86 -9.65 -28.47
C VAL C 34 -27.95 -8.74 -29.68
N ALA C 35 -27.27 -9.11 -30.76
CA ALA C 35 -27.42 -8.38 -31.95
C ALA C 35 -26.87 -9.28 -33.02
N GLU C 36 -27.46 -9.19 -34.21
CA GLU C 36 -27.01 -10.01 -35.33
C GLU C 36 -26.81 -9.09 -36.53
N ALA C 37 -25.78 -9.31 -37.32
CA ALA C 37 -25.59 -8.44 -38.50
C ALA C 37 -25.20 -9.28 -39.70
N ALA C 38 -25.52 -8.81 -40.90
CA ALA C 38 -25.33 -9.59 -42.11
C ALA C 38 -24.24 -9.05 -43.02
N ASP C 39 -23.45 -8.11 -42.53
CA ASP C 39 -22.32 -7.62 -43.32
C ASP C 39 -21.44 -6.67 -42.49
N ALA C 40 -20.33 -6.23 -43.07
CA ALA C 40 -19.50 -5.24 -42.42
C ALA C 40 -20.28 -3.96 -41.90
N GLY C 41 -20.99 -3.23 -42.74
CA GLY C 41 -21.55 -2.00 -42.26
C GLY C 41 -22.51 -2.15 -41.09
N GLU C 42 -23.39 -3.11 -41.19
CA GLU C 42 -24.36 -3.27 -40.14
C GLU C 42 -23.64 -3.80 -38.85
N ALA C 43 -22.62 -4.61 -39.04
CA ALA C 43 -21.79 -4.96 -37.90
C ALA C 43 -21.25 -3.72 -37.16
N TYR C 44 -20.84 -2.70 -37.91
CA TYR C 44 -20.09 -1.62 -37.25
C TYR C 44 -21.08 -0.87 -36.35
N ARG C 45 -22.30 -0.69 -36.84
CA ARG C 45 -23.27 0.04 -36.10
C ARG C 45 -23.63 -0.73 -34.86
N LEU C 46 -23.82 -2.03 -34.97
CA LEU C 46 -24.38 -2.72 -33.83
C LEU C 46 -23.30 -2.82 -32.78
N TYR C 47 -22.05 -2.80 -33.22
CA TYR C 47 -21.00 -2.96 -32.26
C TYR C 47 -21.03 -1.70 -31.41
N ARG C 48 -21.14 -0.57 -32.08
CA ARG C 48 -20.96 0.64 -31.34
C ARG C 48 -22.15 0.79 -30.40
N GLU C 49 -23.32 0.43 -30.93
CA GLU C 49 -24.61 0.55 -30.25
C GLU C 49 -24.74 -0.31 -29.04
N THR C 50 -24.28 -1.55 -29.17
CA THR C 50 -24.36 -2.51 -28.07
C THR C 50 -23.04 -2.88 -27.36
N THR C 51 -21.88 -2.46 -27.87
CA THR C 51 -20.62 -2.74 -27.18
C THR C 51 -20.71 -4.17 -26.60
N PRO C 52 -20.82 -5.16 -27.45
CA PRO C 52 -20.90 -6.53 -26.96
C PRO C 52 -19.63 -7.08 -26.24
N ASP C 53 -19.75 -8.19 -25.50
CA ASP C 53 -18.61 -8.70 -24.77
C ASP C 53 -17.85 -9.51 -25.76
N ILE C 54 -18.53 -9.98 -26.81
CA ILE C 54 -17.74 -10.64 -27.81
C ILE C 54 -18.42 -10.66 -29.17
N VAL C 55 -17.64 -10.71 -30.22
CA VAL C 55 -18.21 -10.70 -31.54
C VAL C 55 -17.93 -12.05 -32.24
N VAL C 56 -18.84 -12.50 -33.08
CA VAL C 56 -18.47 -13.74 -33.69
C VAL C 56 -18.77 -13.55 -35.12
N MET C 57 -17.75 -13.58 -35.96
CA MET C 57 -17.97 -13.01 -37.29
C MET C 57 -17.55 -13.93 -38.40
N ASP C 58 -18.34 -14.07 -39.44
CA ASP C 58 -17.86 -14.82 -40.63
C ASP C 58 -16.53 -14.23 -41.02
N LEU C 59 -15.66 -15.01 -41.67
CA LEU C 59 -14.52 -14.37 -42.32
C LEU C 59 -14.92 -13.65 -43.58
N THR C 60 -15.96 -14.13 -44.25
CA THR C 60 -16.31 -13.66 -45.56
C THR C 60 -17.68 -13.07 -45.49
N LEU C 61 -17.82 -11.84 -45.98
CA LEU C 61 -19.09 -11.15 -46.01
C LEU C 61 -19.33 -10.59 -47.39
N PRO C 62 -20.45 -9.91 -47.59
CA PRO C 62 -20.46 -9.27 -48.93
C PRO C 62 -19.93 -7.85 -48.81
N GLY C 63 -18.88 -7.51 -49.56
CA GLY C 63 -18.18 -6.30 -49.24
C GLY C 63 -17.14 -6.71 -48.19
N PRO C 64 -16.52 -5.73 -47.53
CA PRO C 64 -15.38 -6.03 -46.73
C PRO C 64 -15.59 -7.29 -45.96
N GLY C 65 -14.64 -8.21 -46.09
CA GLY C 65 -14.64 -9.43 -45.28
C GLY C 65 -14.71 -9.05 -43.79
N GLY C 66 -14.31 -9.98 -42.92
CA GLY C 66 -14.41 -9.81 -41.50
C GLY C 66 -13.11 -9.36 -40.86
N ILE C 67 -12.01 -9.48 -41.59
CA ILE C 67 -10.70 -8.97 -41.12
C ILE C 67 -10.73 -7.46 -41.22
N GLU C 68 -11.05 -6.99 -42.43
CA GLU C 68 -11.33 -5.61 -42.71
C GLU C 68 -12.27 -5.11 -41.63
N ALA C 69 -13.41 -5.78 -41.48
CA ALA C 69 -14.33 -5.44 -40.40
C ALA C 69 -13.72 -5.44 -38.93
N THR C 70 -12.81 -6.39 -38.68
CA THR C 70 -12.09 -6.53 -37.41
C THR C 70 -11.18 -5.33 -37.06
N ARG C 71 -10.48 -4.81 -38.06
CA ARG C 71 -9.59 -3.73 -37.71
C ARG C 71 -10.42 -2.49 -37.50
N HIS C 72 -11.49 -2.36 -38.29
CA HIS C 72 -12.18 -1.11 -38.26
C HIS C 72 -12.80 -1.02 -36.90
N ILE C 73 -13.33 -2.14 -36.46
CA ILE C 73 -13.95 -2.15 -35.15
C ILE C 73 -12.87 -1.96 -34.10
N ARG C 74 -11.75 -2.62 -34.31
CA ARG C 74 -10.73 -2.67 -33.28
C ARG C 74 -10.06 -1.33 -33.15
N GLN C 75 -10.07 -0.60 -34.26
CA GLN C 75 -9.70 0.79 -34.26
C GLN C 75 -10.57 1.75 -33.47
N TRP C 76 -11.85 1.41 -33.26
CA TRP C 76 -12.78 2.20 -32.43
C TRP C 76 -12.65 1.75 -30.98
N ASP C 77 -12.53 0.44 -30.77
CA ASP C 77 -12.32 -0.08 -29.43
C ASP C 77 -11.17 -1.04 -29.54
N GLY C 78 -10.02 -0.61 -29.04
CA GLY C 78 -8.87 -1.47 -28.93
C GLY C 78 -8.99 -2.67 -28.03
N ALA C 79 -10.16 -2.99 -27.48
CA ALA C 79 -10.25 -4.11 -26.56
C ALA C 79 -11.30 -5.09 -27.04
N ALA C 80 -11.82 -4.88 -28.22
CA ALA C 80 -12.94 -5.64 -28.68
C ALA C 80 -12.47 -7.07 -28.94
N ARG C 81 -13.29 -8.02 -28.47
CA ARG C 81 -12.98 -9.42 -28.57
C ARG C 81 -13.78 -9.97 -29.68
N ILE C 82 -13.10 -10.46 -30.67
CA ILE C 82 -13.70 -10.84 -31.89
C ILE C 82 -13.22 -12.26 -32.21
N LEU C 83 -14.17 -13.17 -32.36
CA LEU C 83 -13.86 -14.50 -32.81
C LEU C 83 -14.25 -14.63 -34.24
N ILE C 84 -13.27 -14.89 -35.10
CA ILE C 84 -13.56 -15.24 -36.49
C ILE C 84 -13.99 -16.69 -36.62
N PHE C 85 -15.22 -16.94 -37.02
CA PHE C 85 -15.75 -18.29 -37.12
C PHE C 85 -15.95 -18.50 -38.63
N THR C 86 -15.22 -19.43 -39.26
CA THR C 86 -15.21 -19.47 -40.71
C THR C 86 -15.14 -20.86 -41.34
N MET C 87 -15.68 -20.97 -42.56
CA MET C 87 -15.68 -22.23 -43.33
C MET C 87 -14.35 -22.29 -44.05
N HIS C 88 -13.80 -21.12 -44.32
CA HIS C 88 -12.49 -21.01 -44.95
C HIS C 88 -11.34 -21.58 -44.09
N GLN C 89 -10.61 -22.58 -44.59
CA GLN C 89 -9.51 -23.18 -43.80
C GLN C 89 -8.08 -22.74 -44.12
N GLY C 90 -7.17 -22.93 -43.17
CA GLY C 90 -5.76 -22.79 -43.50
C GLY C 90 -5.03 -21.57 -43.01
N SER C 91 -4.02 -21.84 -42.18
CA SER C 91 -3.30 -20.87 -41.34
C SER C 91 -3.20 -19.52 -42.00
N ALA C 92 -3.31 -19.51 -43.33
CA ALA C 92 -3.18 -18.26 -44.10
C ALA C 92 -4.02 -17.13 -43.47
N PHE C 93 -5.34 -17.23 -43.54
CA PHE C 93 -6.13 -16.13 -43.03
C PHE C 93 -6.11 -16.04 -41.51
N ALA C 94 -5.95 -17.17 -40.84
CA ALA C 94 -5.96 -17.07 -39.38
C ALA C 94 -4.88 -16.10 -39.00
N LEU C 95 -3.77 -16.19 -39.73
CA LEU C 95 -2.66 -15.30 -39.50
C LEU C 95 -3.04 -13.82 -39.69
N LYS C 96 -3.52 -13.47 -40.87
CA LYS C 96 -3.96 -12.10 -41.08
C LYS C 96 -4.80 -11.67 -39.87
N ALA C 97 -5.67 -12.59 -39.42
CA ALA C 97 -6.78 -12.25 -38.55
C ALA C 97 -6.31 -11.95 -37.18
N PHE C 98 -5.45 -12.79 -36.67
CA PHE C 98 -4.93 -12.51 -35.35
C PHE C 98 -4.17 -11.22 -35.41
N GLU C 99 -3.58 -10.94 -36.55
CA GLU C 99 -2.86 -9.73 -36.71
C GLU C 99 -3.80 -8.51 -36.83
N ALA C 100 -4.97 -8.69 -37.43
CA ALA C 100 -5.93 -7.63 -37.47
C ALA C 100 -6.49 -7.49 -36.06
N GLY C 101 -6.10 -8.37 -35.14
CA GLY C 101 -6.60 -8.29 -33.75
C GLY C 101 -7.73 -9.22 -33.35
N ALA C 102 -7.94 -10.32 -34.11
CA ALA C 102 -8.97 -11.23 -33.69
C ALA C 102 -8.43 -11.81 -32.43
N SER C 103 -9.28 -11.98 -31.43
CA SER C 103 -8.94 -12.71 -30.24
C SER C 103 -9.00 -14.20 -30.49
N GLY C 104 -9.55 -14.60 -31.60
CA GLY C 104 -9.44 -16.03 -31.89
C GLY C 104 -9.99 -16.32 -33.27
N TYR C 105 -9.82 -17.57 -33.74
CA TYR C 105 -10.27 -17.94 -35.07
C TYR C 105 -10.67 -19.39 -35.05
N VAL C 106 -11.84 -19.72 -35.57
CA VAL C 106 -12.34 -21.10 -35.46
C VAL C 106 -13.00 -21.59 -36.73
N THR C 107 -12.97 -22.89 -36.92
CA THR C 107 -13.36 -23.41 -38.22
C THR C 107 -14.79 -23.90 -38.24
N LYS C 108 -15.55 -23.64 -39.27
CA LYS C 108 -16.87 -24.14 -39.02
C LYS C 108 -16.88 -25.65 -39.02
N SER C 109 -15.81 -26.28 -39.50
CA SER C 109 -15.81 -27.77 -39.64
C SER C 109 -15.37 -28.54 -38.42
N SER C 110 -14.96 -27.84 -37.40
CA SER C 110 -14.50 -28.56 -36.26
C SER C 110 -15.67 -29.25 -35.57
N ASP C 111 -15.39 -29.91 -34.48
CA ASP C 111 -16.45 -30.29 -33.59
C ASP C 111 -17.29 -29.04 -33.24
N PRO C 112 -18.60 -29.20 -33.24
CA PRO C 112 -19.57 -28.20 -32.84
C PRO C 112 -19.20 -27.43 -31.55
N ALA C 113 -18.86 -28.15 -30.47
CA ALA C 113 -18.65 -27.48 -29.18
C ALA C 113 -17.42 -26.58 -29.21
N GLU C 114 -16.63 -26.70 -30.28
CA GLU C 114 -15.51 -25.81 -30.50
C GLU C 114 -15.93 -24.33 -30.38
N LEU C 115 -16.98 -23.95 -31.09
CA LEU C 115 -17.48 -22.60 -31.04
C LEU C 115 -17.68 -22.04 -29.64
N VAL C 116 -18.49 -22.73 -28.88
CA VAL C 116 -18.81 -22.24 -27.57
C VAL C 116 -17.62 -22.37 -26.66
N GLN C 117 -16.74 -23.33 -26.91
CA GLN C 117 -15.59 -23.39 -26.03
C GLN C 117 -14.65 -22.27 -26.31
N ALA C 118 -14.54 -21.83 -27.58
CA ALA C 118 -13.69 -20.71 -27.96
C ALA C 118 -14.19 -19.38 -27.34
N ILE C 119 -15.51 -19.20 -27.33
CA ILE C 119 -16.09 -18.00 -26.78
C ILE C 119 -15.69 -17.98 -25.32
N GLU C 120 -15.73 -19.15 -24.67
CA GLU C 120 -15.54 -19.14 -23.22
C GLU C 120 -14.09 -18.91 -22.99
N ALA C 121 -13.25 -19.31 -23.93
CA ALA C 121 -11.80 -19.17 -23.81
C ALA C 121 -11.49 -17.70 -23.87
N ILE C 122 -12.12 -17.03 -24.85
CA ILE C 122 -11.74 -15.70 -25.19
C ILE C 122 -12.30 -14.81 -24.09
N LEU C 123 -13.45 -15.20 -23.53
CA LEU C 123 -14.03 -14.29 -22.57
C LEU C 123 -13.20 -14.46 -21.30
N ALA C 124 -12.46 -15.55 -21.19
CA ALA C 124 -11.66 -15.73 -20.00
C ALA C 124 -10.37 -14.90 -20.10
N GLY C 125 -9.84 -14.71 -21.31
CA GLY C 125 -8.67 -13.92 -21.48
C GLY C 125 -7.72 -14.63 -22.39
N ARG C 126 -8.08 -15.81 -22.91
CA ARG C 126 -7.20 -16.51 -23.89
C ARG C 126 -7.45 -16.21 -25.38
N ARG C 127 -6.48 -16.56 -26.20
CA ARG C 127 -6.69 -16.63 -27.62
C ARG C 127 -7.33 -17.95 -27.85
N ALA C 128 -7.98 -18.14 -28.99
CA ALA C 128 -8.58 -19.42 -29.26
C ALA C 128 -8.53 -19.72 -30.75
N MET C 129 -8.17 -20.98 -31.03
CA MET C 129 -7.93 -21.53 -32.35
C MET C 129 -8.70 -22.84 -32.22
N SER C 130 -9.27 -23.32 -33.32
CA SER C 130 -9.81 -24.67 -33.32
C SER C 130 -8.58 -25.61 -33.40
N PRO C 131 -8.73 -26.87 -32.98
CA PRO C 131 -7.42 -27.49 -32.89
C PRO C 131 -6.86 -27.75 -34.29
N ASP C 132 -7.72 -27.74 -35.30
CA ASP C 132 -7.16 -27.98 -36.64
C ASP C 132 -6.28 -26.80 -37.13
N ILE C 133 -6.59 -25.59 -36.66
CA ILE C 133 -5.95 -24.38 -37.09
C ILE C 133 -4.65 -24.39 -36.41
N ALA C 134 -4.69 -24.70 -35.11
CA ALA C 134 -3.45 -24.69 -34.32
C ALA C 134 -2.39 -25.71 -34.81
N GLN C 135 -2.82 -26.81 -35.42
CA GLN C 135 -1.89 -27.80 -35.94
C GLN C 135 -1.23 -27.23 -37.17
N GLU C 136 -2.06 -26.77 -38.13
CA GLU C 136 -1.58 -26.11 -39.36
C GLU C 136 -0.62 -25.03 -38.99
N ILE C 137 -0.99 -24.19 -38.05
CA ILE C 137 -0.08 -23.10 -37.69
C ILE C 137 1.22 -23.58 -37.09
N ALA C 138 1.17 -24.42 -36.07
CA ALA C 138 2.42 -24.96 -35.53
C ALA C 138 3.17 -25.82 -36.54
N GLU C 139 2.47 -26.67 -37.30
CA GLU C 139 3.17 -27.60 -38.22
C GLU C 139 4.05 -26.76 -39.14
N GLU C 140 3.56 -25.60 -39.59
CA GLU C 140 4.34 -24.72 -40.47
C GLU C 140 5.44 -24.01 -39.70
N ARG C 141 5.22 -23.75 -38.42
CA ARG C 141 6.26 -23.11 -37.62
C ARG C 141 7.45 -24.00 -37.64
N VAL C 142 7.20 -25.28 -37.87
CA VAL C 142 8.21 -26.33 -37.62
C VAL C 142 8.99 -26.76 -38.84
N GLU C 143 8.32 -26.83 -39.98
CA GLU C 143 9.07 -26.86 -41.24
C GLU C 143 9.96 -25.56 -41.30
N GLY C 144 10.18 -24.92 -40.16
CA GLY C 144 11.18 -23.81 -40.05
C GLY C 144 12.41 -24.21 -39.23
N ARG C 145 12.41 -23.85 -37.93
CA ARG C 145 13.38 -24.38 -36.95
C ARG C 145 14.02 -25.65 -37.55
N SER D 4 13.40 6.77 7.50
CA SER D 4 12.92 8.14 7.10
C SER D 4 13.06 8.29 5.55
N THR D 5 14.25 8.65 5.09
CA THR D 5 14.67 8.30 3.73
C THR D 5 16.10 8.65 3.84
N ALA D 6 16.87 8.23 2.88
CA ALA D 6 18.24 8.54 3.02
C ALA D 6 18.81 7.71 1.99
N ARG D 7 19.74 8.35 1.30
CA ARG D 7 20.45 7.71 0.28
C ARG D 7 21.80 7.62 0.90
N ILE D 8 22.30 6.39 1.01
CA ILE D 8 23.49 6.12 1.83
C ILE D 8 24.52 5.51 0.91
N MET D 9 25.76 5.90 1.16
CA MET D 9 26.86 5.48 0.36
C MET D 9 27.56 4.66 1.38
N LEU D 10 27.93 3.43 1.01
CA LEU D 10 28.78 2.66 1.87
C LEU D 10 30.13 2.69 1.29
N VAL D 11 31.13 2.68 2.15
CA VAL D 11 32.44 2.58 1.63
C VAL D 11 33.18 1.48 2.33
N ASP D 12 33.53 0.37 1.70
CA ASP D 12 34.40 -0.54 2.44
C ASP D 12 35.36 -1.36 1.62
N ASP D 13 36.60 -1.42 2.09
CA ASP D 13 37.73 -2.12 1.43
C ASP D 13 37.89 -3.63 1.78
N HIS D 14 36.96 -4.19 2.55
CA HIS D 14 36.95 -5.62 2.81
C HIS D 14 35.59 -6.25 2.42
N PRO D 15 35.24 -6.14 1.13
CA PRO D 15 33.89 -6.51 0.67
C PRO D 15 33.45 -7.92 1.01
N ILE D 16 34.38 -8.80 1.35
CA ILE D 16 34.08 -10.22 1.52
C ILE D 16 33.56 -10.67 2.90
N VAL D 17 33.18 -9.77 3.80
CA VAL D 17 32.82 -10.21 5.15
C VAL D 17 31.38 -10.77 5.33
N ARG D 18 30.83 -10.67 6.56
CA ARG D 18 29.40 -10.83 6.76
C ARG D 18 28.75 -9.44 6.50
N GLU D 19 27.90 -9.34 5.44
CA GLU D 19 27.32 -8.10 4.94
C GLU D 19 26.45 -7.72 6.03
N GLY D 20 26.73 -8.36 7.15
CA GLY D 20 25.93 -8.36 8.37
C GLY D 20 25.58 -6.96 8.75
N TYR D 21 26.46 -6.03 8.45
CA TYR D 21 26.21 -4.64 8.82
C TYR D 21 25.45 -4.00 7.73
N ARG D 22 25.82 -4.39 6.53
CA ARG D 22 25.28 -3.76 5.36
C ARG D 22 23.85 -4.28 5.27
N ARG D 23 23.67 -5.57 5.47
CA ARG D 23 22.32 -6.08 5.52
C ARG D 23 21.43 -5.28 6.52
N LEU D 24 21.94 -4.98 7.69
CA LEU D 24 21.16 -4.23 8.67
C LEU D 24 20.75 -2.86 8.20
N ILE D 25 21.69 -2.16 7.56
CA ILE D 25 21.42 -0.86 7.00
C ILE D 25 20.44 -1.00 5.82
N GLU D 26 20.70 -1.86 4.83
CA GLU D 26 19.82 -1.85 3.64
C GLU D 26 18.37 -2.07 4.03
N ARG D 27 18.18 -3.01 4.95
CA ARG D 27 16.84 -3.46 5.26
C ARG D 27 16.06 -2.40 6.04
N ARG D 28 16.74 -1.45 6.67
CA ARG D 28 16.02 -0.43 7.42
C ARG D 28 15.01 0.31 6.55
N PRO D 29 13.74 0.22 6.91
CA PRO D 29 12.70 0.91 6.15
C PRO D 29 13.11 2.37 5.99
N GLY D 30 12.97 2.88 4.74
CA GLY D 30 13.26 4.22 4.38
C GLY D 30 14.72 4.56 4.23
N TYR D 31 15.64 3.60 4.42
CA TYR D 31 17.02 3.79 3.96
C TYR D 31 17.30 3.10 2.62
N ALA D 32 18.25 3.61 1.84
CA ALA D 32 18.61 3.00 0.60
C ALA D 32 20.11 3.21 0.28
N VAL D 33 20.91 2.17 0.48
CA VAL D 33 22.28 2.16 -0.06
C VAL D 33 22.25 2.37 -1.57
N VAL D 34 22.99 3.32 -2.02
CA VAL D 34 22.92 3.82 -3.36
C VAL D 34 24.20 3.42 -4.11
N ALA D 35 25.27 3.17 -3.34
CA ALA D 35 26.56 2.79 -3.90
C ALA D 35 27.44 2.22 -2.79
N GLU D 36 28.46 1.50 -3.23
CA GLU D 36 29.38 0.76 -2.37
C GLU D 36 30.77 0.83 -2.98
N ALA D 37 31.60 1.79 -2.55
CA ALA D 37 32.96 1.92 -3.00
C ALA D 37 33.92 0.98 -2.25
N ALA D 38 35.00 0.55 -2.90
CA ALA D 38 36.04 -0.29 -2.24
C ALA D 38 37.29 0.48 -1.72
N ASP D 39 37.36 1.81 -1.91
CA ASP D 39 38.58 2.55 -1.55
C ASP D 39 38.37 4.11 -1.56
N ALA D 40 39.34 4.83 -0.98
CA ALA D 40 39.25 6.27 -0.81
C ALA D 40 38.93 7.07 -2.10
N GLY D 41 39.58 6.79 -3.22
CA GLY D 41 39.38 7.66 -4.36
C GLY D 41 37.98 7.45 -4.89
N GLU D 42 37.51 6.21 -4.72
CA GLU D 42 36.29 5.81 -5.36
C GLU D 42 35.26 6.41 -4.51
N ALA D 43 35.56 6.44 -3.22
CA ALA D 43 34.70 7.20 -2.31
C ALA D 43 34.32 8.69 -2.76
N TYR D 44 35.39 9.46 -2.93
CA TYR D 44 35.34 10.84 -3.21
C TYR D 44 34.54 10.96 -4.49
N ARG D 45 35.02 10.22 -5.48
CA ARG D 45 34.48 10.33 -6.80
C ARG D 45 33.04 9.88 -6.69
N LEU D 46 32.77 8.78 -6.00
CA LEU D 46 31.38 8.34 -6.03
C LEU D 46 30.45 9.28 -5.23
N TYR D 47 31.06 10.03 -4.29
CA TYR D 47 30.29 10.92 -3.43
C TYR D 47 29.87 12.05 -4.28
N ARG D 48 30.78 12.57 -5.08
CA ARG D 48 30.39 13.56 -6.09
C ARG D 48 29.39 13.13 -7.11
N GLU D 49 29.36 11.85 -7.47
CA GLU D 49 28.47 11.44 -8.59
C GLU D 49 27.09 11.14 -8.03
N THR D 50 26.98 10.70 -6.77
CA THR D 50 25.68 10.32 -6.23
C THR D 50 25.28 11.27 -5.08
N THR D 51 26.23 12.12 -4.67
CA THR D 51 25.97 12.99 -3.53
C THR D 51 24.89 12.37 -2.66
N PRO D 52 25.26 11.43 -1.78
CA PRO D 52 24.32 10.82 -0.86
C PRO D 52 24.01 11.71 0.32
N ASP D 53 23.19 11.26 1.24
CA ASP D 53 22.85 12.00 2.42
C ASP D 53 23.80 11.61 3.55
N ILE D 54 24.49 10.47 3.42
CA ILE D 54 25.38 10.06 4.50
C ILE D 54 26.30 9.04 3.94
N VAL D 55 27.48 8.99 4.46
CA VAL D 55 28.41 8.04 3.95
C VAL D 55 28.85 7.28 5.21
N VAL D 56 28.95 5.95 5.12
CA VAL D 56 29.52 5.15 6.18
C VAL D 56 30.86 4.60 5.63
N MET D 57 31.95 5.13 6.16
CA MET D 57 33.32 4.95 5.71
C MET D 57 34.04 3.97 6.61
N ASP D 58 34.90 3.11 6.04
CA ASP D 58 35.79 2.27 6.89
C ASP D 58 36.98 3.05 7.61
N LEU D 59 37.98 2.40 8.27
CA LEU D 59 39.16 3.20 8.78
C LEU D 59 40.62 2.92 8.32
N THR D 60 41.18 1.74 8.64
CA THR D 60 42.50 1.28 8.06
C THR D 60 42.34 0.70 6.61
N LEU D 61 42.48 1.62 5.62
CA LEU D 61 42.15 1.32 4.22
C LEU D 61 43.46 1.08 3.39
N PRO D 62 43.38 1.26 2.04
CA PRO D 62 44.50 1.01 1.06
C PRO D 62 45.50 2.17 0.87
N GLY D 63 46.18 2.66 1.93
CA GLY D 63 46.90 3.96 1.84
C GLY D 63 46.30 5.20 2.55
N PRO D 64 45.40 5.99 1.88
CA PRO D 64 44.92 7.17 2.63
C PRO D 64 43.85 6.73 3.66
N GLY D 65 43.74 7.46 4.77
CA GLY D 65 42.79 7.05 5.74
C GLY D 65 41.45 6.88 5.05
N GLY D 66 40.51 6.34 5.79
CA GLY D 66 39.12 6.76 5.62
C GLY D 66 39.04 8.13 6.28
N ILE D 67 40.05 8.44 7.05
CA ILE D 67 40.09 9.69 7.77
C ILE D 67 40.48 10.73 6.74
N GLU D 68 41.56 10.49 5.99
CA GLU D 68 41.87 11.39 4.89
C GLU D 68 40.77 11.56 3.81
N ALA D 69 40.15 10.45 3.41
CA ALA D 69 39.04 10.50 2.44
C ALA D 69 37.96 11.46 2.92
N THR D 70 37.87 11.62 4.24
CA THR D 70 36.72 12.26 4.80
C THR D 70 36.96 13.69 4.56
N ARG D 71 38.19 14.15 4.85
CA ARG D 71 38.39 15.59 4.74
C ARG D 71 38.43 15.98 3.35
N HIS D 72 38.73 15.02 2.49
CA HIS D 72 38.76 15.29 1.08
C HIS D 72 37.33 15.53 0.62
N ILE D 73 36.39 14.73 1.08
CA ILE D 73 35.05 14.94 0.64
C ILE D 73 34.56 16.25 1.23
N ARG D 74 34.94 16.47 2.46
CA ARG D 74 34.43 17.61 3.20
C ARG D 74 34.98 18.80 2.52
N GLN D 75 36.01 18.63 1.73
CA GLN D 75 36.60 19.79 1.07
C GLN D 75 35.81 20.16 -0.17
N TRP D 76 35.02 19.22 -0.66
CA TRP D 76 34.22 19.55 -1.80
C TRP D 76 32.84 19.88 -1.32
N ASP D 77 32.41 19.20 -0.25
CA ASP D 77 31.08 19.48 0.26
C ASP D 77 31.24 19.80 1.70
N GLY D 78 31.32 21.09 1.98
CA GLY D 78 31.38 21.57 3.36
C GLY D 78 30.42 20.92 4.32
N ALA D 79 29.28 20.39 3.83
CA ALA D 79 28.19 19.91 4.73
C ALA D 79 28.02 18.42 4.72
N ALA D 80 28.93 17.73 4.00
CA ALA D 80 28.96 16.26 4.01
C ALA D 80 28.78 15.72 5.40
N ARG D 81 28.09 14.60 5.48
CA ARG D 81 27.84 13.88 6.70
C ARG D 81 28.41 12.49 6.57
N ILE D 82 29.40 12.19 7.40
CA ILE D 82 30.15 10.96 7.32
C ILE D 82 30.38 10.31 8.70
N LEU D 83 30.28 9.01 8.66
CA LEU D 83 30.10 8.28 9.86
C LEU D 83 31.17 7.24 9.79
N ILE D 84 32.24 7.35 10.59
CA ILE D 84 33.29 6.39 10.46
C ILE D 84 33.08 5.21 11.35
N PHE D 85 33.31 4.00 10.84
CA PHE D 85 33.07 2.74 11.56
C PHE D 85 34.36 1.87 11.66
N THR D 86 34.94 1.79 12.86
CA THR D 86 36.29 1.23 13.00
C THR D 86 36.56 0.37 14.24
N MET D 87 37.61 -0.45 14.18
CA MET D 87 38.07 -1.23 15.31
C MET D 87 38.96 -0.34 16.20
N HIS D 88 39.58 0.66 15.59
CA HIS D 88 40.41 1.57 16.38
C HIS D 88 39.76 2.52 17.37
N GLN D 89 40.48 2.69 18.47
CA GLN D 89 39.94 3.34 19.63
C GLN D 89 40.95 4.27 20.17
N GLY D 90 40.58 4.90 21.25
CA GLY D 90 41.44 5.93 21.75
C GLY D 90 40.82 7.24 21.37
N SER D 91 40.93 8.19 22.27
CA SER D 91 40.39 9.48 21.98
C SER D 91 41.02 10.00 20.68
N ALA D 92 42.09 9.37 20.18
CA ALA D 92 42.81 10.05 19.09
C ALA D 92 42.17 9.82 17.74
N PHE D 93 42.33 8.66 17.10
CA PHE D 93 41.71 8.55 15.79
C PHE D 93 40.38 9.31 15.80
N ALA D 94 39.57 9.09 16.84
CA ALA D 94 38.25 9.70 16.92
C ALA D 94 38.32 11.16 16.82
N LEU D 95 39.07 11.82 17.70
CA LEU D 95 39.33 13.28 17.60
C LEU D 95 39.94 13.71 16.20
N LYS D 96 40.86 12.92 15.67
CA LYS D 96 41.31 13.21 14.34
C LYS D 96 40.10 13.15 13.33
N ALA D 97 39.16 12.20 13.50
CA ALA D 97 38.06 12.08 12.50
C ALA D 97 37.12 13.26 12.63
N PHE D 98 36.79 13.61 13.87
CA PHE D 98 35.99 14.82 14.13
C PHE D 98 36.68 16.09 13.54
N GLU D 99 38.01 16.09 13.53
CA GLU D 99 38.68 17.23 12.94
C GLU D 99 38.49 17.27 11.43
N ALA D 100 38.49 16.08 10.78
CA ALA D 100 38.46 15.99 9.33
C ALA D 100 37.12 16.45 8.77
N GLY D 101 36.09 16.45 9.63
CA GLY D 101 34.69 16.63 9.20
C GLY D 101 33.70 15.48 9.48
N ALA D 102 34.16 14.45 10.21
CA ALA D 102 33.29 13.33 10.41
C ALA D 102 32.11 13.84 11.22
N SER D 103 30.93 13.31 10.95
CA SER D 103 29.76 13.71 11.68
C SER D 103 29.50 12.72 12.76
N GLY D 104 30.21 11.61 12.70
CA GLY D 104 30.16 10.59 13.77
C GLY D 104 31.25 9.50 13.71
N TYR D 105 31.53 8.83 14.84
CA TYR D 105 32.58 7.82 14.95
C TYR D 105 32.02 6.69 15.79
N VAL D 106 31.87 5.50 15.25
CA VAL D 106 31.37 4.37 16.03
C VAL D 106 32.34 3.20 15.95
N THR D 107 32.51 2.51 17.07
CA THR D 107 33.48 1.42 17.11
C THR D 107 32.97 0.07 16.67
N LYS D 108 33.81 -0.57 15.88
CA LYS D 108 33.51 -1.91 15.32
C LYS D 108 33.01 -2.91 16.36
N SER D 109 33.23 -2.60 17.63
CA SER D 109 32.88 -3.55 18.67
C SER D 109 31.52 -3.29 19.28
N SER D 110 30.89 -2.18 18.92
CA SER D 110 29.61 -1.79 19.51
C SER D 110 28.48 -2.60 18.86
N ASP D 111 27.44 -2.86 19.64
CA ASP D 111 26.21 -3.42 19.12
C ASP D 111 26.06 -3.25 17.62
N PRO D 112 25.41 -4.22 17.00
CA PRO D 112 25.04 -4.11 15.58
C PRO D 112 24.12 -2.90 15.38
N ALA D 113 23.14 -2.75 16.27
CA ALA D 113 22.18 -1.67 16.25
C ALA D 113 22.87 -0.33 16.34
N GLU D 114 24.00 -0.36 17.02
CA GLU D 114 24.72 0.83 17.36
C GLU D 114 24.86 1.69 16.12
N LEU D 115 25.17 1.02 15.00
CA LEU D 115 25.52 1.64 13.76
C LEU D 115 24.33 2.34 13.14
N VAL D 116 23.22 1.62 13.10
CA VAL D 116 22.02 2.20 12.55
C VAL D 116 21.60 3.34 13.42
N GLN D 117 21.69 3.18 14.73
CA GLN D 117 21.46 4.32 15.63
C GLN D 117 22.39 5.48 15.33
N ALA D 118 23.61 5.18 14.96
CA ALA D 118 24.43 6.29 14.74
C ALA D 118 23.84 7.10 13.55
N ILE D 119 23.49 6.37 12.48
CA ILE D 119 23.06 6.99 11.23
C ILE D 119 21.86 7.90 11.45
N GLU D 120 20.96 7.44 12.33
CA GLU D 120 19.76 8.19 12.62
C GLU D 120 20.13 9.44 13.39
N ALA D 121 21.00 9.32 14.38
CA ALA D 121 21.46 10.51 15.08
C ALA D 121 22.04 11.61 14.11
N ILE D 122 22.79 11.16 13.11
CA ILE D 122 23.40 12.08 12.20
C ILE D 122 22.42 12.56 11.14
N LEU D 123 21.43 11.76 10.78
CA LEU D 123 20.57 12.27 9.72
C LEU D 123 19.60 13.19 10.37
N ALA D 124 19.68 13.28 11.69
CA ALA D 124 18.77 14.15 12.50
C ALA D 124 19.54 15.38 12.97
N GLY D 125 20.64 15.66 12.30
CA GLY D 125 21.47 16.76 12.65
C GLY D 125 22.32 16.61 13.90
N ARG D 126 22.50 15.42 14.48
CA ARG D 126 23.34 15.39 15.70
C ARG D 126 24.75 14.85 15.43
N ARG D 127 25.61 14.74 16.43
CA ARG D 127 26.89 14.07 16.13
C ARG D 127 26.79 12.76 16.80
N ALA D 128 27.65 11.79 16.51
CA ALA D 128 27.42 10.43 17.04
C ALA D 128 28.65 9.75 17.62
N MET D 129 28.47 9.02 18.70
CA MET D 129 29.62 8.50 19.34
C MET D 129 29.27 7.22 20.03
N SER D 130 29.66 6.09 19.43
CA SER D 130 29.58 4.87 20.19
C SER D 130 30.11 5.08 21.70
N PRO D 131 29.30 4.64 22.67
CA PRO D 131 29.45 4.97 24.09
C PRO D 131 30.89 4.70 24.58
N ASP D 132 31.47 3.61 24.11
CA ASP D 132 32.85 3.34 24.44
C ASP D 132 33.75 4.51 24.05
N ILE D 133 33.45 5.19 22.93
CA ILE D 133 34.27 6.35 22.51
C ILE D 133 34.03 7.57 23.31
N ALA D 134 32.76 7.94 23.51
CA ALA D 134 32.41 9.14 24.28
C ALA D 134 32.88 8.98 25.71
N GLN D 135 33.06 7.74 26.14
CA GLN D 135 33.63 7.52 27.47
C GLN D 135 35.08 8.00 27.39
N GLU D 136 35.87 7.43 26.49
CA GLU D 136 37.30 7.69 26.55
C GLU D 136 37.59 9.17 26.41
N ILE D 137 36.96 9.78 25.41
CA ILE D 137 37.20 11.17 25.10
C ILE D 137 36.85 12.01 26.28
N ALA D 138 35.66 11.84 26.85
CA ALA D 138 35.25 12.60 28.03
C ALA D 138 36.11 12.34 29.30
N GLU D 139 36.30 11.06 29.60
CA GLU D 139 37.12 10.63 30.71
C GLU D 139 38.43 11.42 30.69
N GLU D 140 38.64 12.13 29.60
CA GLU D 140 39.89 12.84 29.41
C GLU D 140 39.69 14.34 29.57
N ARG D 141 38.56 14.90 29.11
CA ARG D 141 38.36 16.33 29.31
C ARG D 141 38.42 16.56 30.79
N VAL D 142 38.26 15.46 31.49
CA VAL D 142 37.96 15.54 32.91
C VAL D 142 39.27 15.41 33.63
N GLU D 143 39.94 14.29 33.39
CA GLU D 143 41.36 14.21 33.64
C GLU D 143 41.97 15.62 33.40
N GLY D 144 41.29 16.46 32.62
CA GLY D 144 41.78 17.83 32.33
C GLY D 144 41.29 18.98 33.23
N ARG D 145 40.09 18.83 33.82
CA ARG D 145 39.32 19.96 34.39
C ARG D 145 38.82 20.86 33.26
P PO4 E . -14.14 34.47 -30.00
O1 PO4 E . -13.31 35.70 -29.88
O2 PO4 E . -14.18 33.80 -31.36
O3 PO4 E . -13.75 33.47 -28.95
O4 PO4 E . -15.42 35.14 -29.57
P PO4 F . -21.23 38.55 -38.38
O1 PO4 F . -20.76 39.76 -37.62
O2 PO4 F . -20.27 38.05 -39.41
O3 PO4 F . -21.06 37.62 -37.21
O4 PO4 F . -22.63 38.78 -38.85
P PO4 G . -8.22 -18.72 47.17
O1 PO4 G . -8.95 -17.88 48.20
O2 PO4 G . -8.08 -18.00 45.86
O3 PO4 G . -6.93 -19.18 47.78
O4 PO4 G . -9.01 -19.95 46.84
P PO4 H . -17.63 -17.90 -43.87
O1 PO4 H . -18.45 -16.87 -44.64
O2 PO4 H . -17.86 -19.14 -44.61
O3 PO4 H . -16.16 -17.59 -43.94
O4 PO4 H . -17.92 -18.08 -42.40
#